data_2DUP
#
_entry.id   2DUP
#
_cell.length_a   171.000
_cell.length_b   45.200
_cell.length_c   117.100
_cell.angle_alpha   90.00
_cell.angle_beta   132.60
_cell.angle_gamma   90.00
#
_symmetry.space_group_name_H-M   'C 1 2 1'
#
loop_
_entity.id
_entity.type
_entity.pdbx_description
1 polymer 'Vesicular integral-membrane protein VIP36'
2 non-polymer 'CALCIUM ION'
3 non-polymer 'CHLORIDE ION'
4 non-polymer GLYCEROL
5 water water
#
_entity_poly.entity_id   1
_entity_poly.type   'polypeptide(L)'
_entity_poly.pdbx_seq_one_letter_code
;GSSEHLKREHSLIKPYQGVGSSSMPLWDFQGSTILTSQYVRLTPDERSKEGSIWNHQPCFLKDWEMHVHFKVHGTGKKNL
HGDGIALWYTRDRLVPGPVFGSKDNFHGLAIFLDTYPNDETTERVFPYISVMVNNGSLSYDHSKDGRWTELAGCTADFRN
RDHDTFLAVRYSRGRLTVMTDLEDKNEWKNCIDITGVRLPTGYYFGASAGTGDLSDNHDIISMKLFQLMVEHTPDEENID
WTKIEPSVNFLKS
;
_entity_poly.pdbx_strand_id   A,B
#
# COMPACT_ATOMS: atom_id res chain seq x y z
N GLU A 4 -22.20 -17.15 11.03
CA GLU A 4 -20.97 -16.71 11.76
C GLU A 4 -21.16 -15.29 12.28
N HIS A 5 -20.24 -14.88 13.16
CA HIS A 5 -20.20 -13.50 13.56
C HIS A 5 -18.97 -12.85 12.91
N LEU A 6 -18.48 -13.51 11.86
CA LEU A 6 -17.41 -12.99 11.01
C LEU A 6 -17.79 -11.68 10.36
N LYS A 7 -16.94 -10.66 10.52
CA LYS A 7 -17.11 -9.42 9.79
C LYS A 7 -16.10 -9.41 8.65
N ARG A 8 -16.63 -9.67 7.45
CA ARG A 8 -15.85 -9.85 6.22
C ARG A 8 -15.13 -8.57 5.83
N GLU A 9 -15.76 -7.45 6.12
CA GLU A 9 -15.22 -6.14 5.82
C GLU A 9 -13.95 -5.79 6.65
N HIS A 10 -13.69 -6.53 7.72
CA HIS A 10 -12.53 -6.30 8.57
C HIS A 10 -11.64 -7.53 8.53
N SER A 11 -11.84 -8.39 7.53
CA SER A 11 -11.06 -9.62 7.42
C SER A 11 -10.23 -9.64 6.15
N LEU A 12 -9.11 -10.35 6.19
CA LEU A 12 -8.28 -10.56 5.02
C LEU A 12 -8.25 -12.06 4.77
N ILE A 13 -8.81 -12.47 3.63
CA ILE A 13 -9.07 -13.89 3.35
C ILE A 13 -8.78 -14.22 1.88
N LYS A 14 -8.15 -15.38 1.63
CA LYS A 14 -7.92 -15.85 0.24
C LYS A 14 -9.23 -16.38 -0.37
N PRO A 15 -9.51 -16.01 -1.64
CA PRO A 15 -8.78 -15.06 -2.47
C PRO A 15 -9.04 -13.66 -2.01
N TYR A 16 -7.98 -12.86 -1.90
CA TYR A 16 -8.10 -11.54 -1.30
C TYR A 16 -8.94 -10.67 -2.19
N GLN A 17 -10.00 -10.10 -1.62
CA GLN A 17 -10.96 -9.34 -2.41
C GLN A 17 -10.31 -8.13 -3.12
N GLY A 18 -10.66 -7.97 -4.40
CA GLY A 18 -10.34 -6.77 -5.15
C GLY A 18 -8.93 -6.72 -5.68
N VAL A 19 -8.20 -7.82 -5.53
CA VAL A 19 -6.79 -7.87 -5.88
C VAL A 19 -6.62 -8.44 -7.28
N GLY A 20 -7.16 -9.64 -7.52
CA GLY A 20 -7.08 -10.30 -8.82
C GLY A 20 -8.40 -10.26 -9.59
N SER A 21 -9.18 -9.21 -9.34
CA SER A 21 -10.55 -9.13 -9.82
C SER A 21 -10.99 -7.68 -9.90
N SER A 22 -12.24 -7.47 -10.31
CA SER A 22 -12.78 -6.13 -10.48
C SER A 22 -13.45 -5.56 -9.22
N SER A 23 -13.71 -6.40 -8.23
CA SER A 23 -14.41 -5.94 -7.01
C SER A 23 -13.52 -5.02 -6.16
N MET A 24 -14.11 -4.40 -5.14
CA MET A 24 -13.42 -3.43 -4.30
C MET A 24 -12.54 -4.14 -3.26
N PRO A 25 -11.26 -3.71 -3.12
CA PRO A 25 -10.45 -4.35 -2.08
C PRO A 25 -10.84 -3.84 -0.69
N LEU A 26 -10.53 -4.64 0.34
CA LEU A 26 -10.89 -4.30 1.73
C LEU A 26 -9.71 -3.75 2.54
N TRP A 27 -8.51 -3.85 1.95
CA TRP A 27 -7.26 -3.40 2.55
C TRP A 27 -6.44 -2.60 1.53
N ASP A 28 -5.68 -1.61 2.01
CA ASP A 28 -4.57 -0.97 1.27
C ASP A 28 -3.26 -1.71 1.55
N PHE A 29 -2.42 -1.83 0.52
CA PHE A 29 -1.13 -2.50 0.68
C PHE A 29 -0.05 -1.44 0.50
N GLN A 30 0.86 -1.34 1.48
CA GLN A 30 1.73 -0.18 1.58
C GLN A 30 3.16 -0.66 1.79
N GLY A 31 4.13 0.13 1.31
CA GLY A 31 5.53 -0.15 1.57
C GLY A 31 6.03 -1.35 0.83
N SER A 32 6.97 -2.08 1.41
CA SER A 32 7.54 -3.24 0.78
C SER A 32 6.54 -4.41 0.60
N THR A 33 5.28 -4.19 0.96
CA THR A 33 4.31 -5.27 0.96
C THR A 33 4.11 -5.76 -0.49
N ILE A 34 4.13 -7.08 -0.71
CA ILE A 34 3.70 -7.65 -2.00
C ILE A 34 2.63 -8.75 -1.79
N LEU A 35 1.74 -8.88 -2.78
CA LEU A 35 0.70 -9.90 -2.81
C LEU A 35 1.13 -11.13 -3.59
N THR A 36 0.66 -12.29 -3.15
CA THR A 36 0.48 -13.46 -4.02
C THR A 36 -0.96 -13.98 -3.80
N SER A 37 -1.30 -15.08 -4.47
CA SER A 37 -2.62 -15.68 -4.28
C SER A 37 -2.73 -16.43 -2.95
N GLN A 38 -1.57 -16.82 -2.41
CA GLN A 38 -1.49 -17.61 -1.18
C GLN A 38 -1.12 -16.86 0.13
N TYR A 39 -0.40 -15.73 0.02
CA TYR A 39 -0.09 -14.89 1.20
C TYR A 39 0.14 -13.43 0.87
N VAL A 40 0.08 -12.61 1.90
CA VAL A 40 0.58 -11.20 1.82
C VAL A 40 1.96 -11.18 2.50
N ARG A 41 3.02 -10.91 1.74
CA ARG A 41 4.37 -10.81 2.30
C ARG A 41 4.65 -9.34 2.67
N LEU A 42 4.66 -9.05 3.96
CA LEU A 42 4.90 -7.67 4.41
C LEU A 42 6.32 -7.26 4.09
N THR A 43 7.29 -8.11 4.41
CA THR A 43 8.67 -7.85 4.03
C THR A 43 9.26 -9.14 3.44
N PRO A 44 10.09 -9.01 2.40
CA PRO A 44 10.93 -10.11 2.02
C PRO A 44 12.06 -10.27 3.02
N ASP A 45 12.80 -11.36 2.87
CA ASP A 45 14.02 -11.59 3.59
C ASP A 45 15.11 -10.66 3.09
N GLU A 46 14.82 -9.36 3.05
CA GLU A 46 15.80 -8.35 2.69
C GLU A 46 15.88 -7.29 3.79
N ARG A 47 17.06 -6.69 3.94
CA ARG A 47 17.29 -5.67 4.98
C ARG A 47 16.61 -4.34 4.71
N SER A 48 16.38 -3.56 5.77
CA SER A 48 15.84 -2.19 5.67
C SER A 48 14.54 -2.05 4.88
N LYS A 49 13.55 -2.86 5.23
CA LYS A 49 12.22 -2.83 4.61
C LYS A 49 11.14 -2.52 5.62
N GLU A 50 10.06 -1.88 5.17
CA GLU A 50 8.92 -1.60 6.02
C GLU A 50 7.72 -1.78 5.13
N GLY A 51 6.86 -2.74 5.46
CA GLY A 51 5.62 -2.90 4.74
C GLY A 51 4.45 -3.08 5.67
N SER A 52 3.27 -2.68 5.20
CA SER A 52 2.05 -2.78 5.99
C SER A 52 0.76 -3.04 5.17
N ILE A 53 -0.28 -3.48 5.87
CA ILE A 53 -1.62 -3.55 5.30
C ILE A 53 -2.58 -2.85 6.23
N TRP A 54 -3.49 -2.08 5.67
CA TRP A 54 -4.42 -1.31 6.47
C TRP A 54 -5.83 -1.48 5.95
N ASN A 55 -6.70 -1.96 6.85
CA ASN A 55 -8.13 -2.09 6.60
C ASN A 55 -8.73 -0.75 6.19
N HIS A 56 -9.59 -0.80 5.17
CA HIS A 56 -10.27 0.38 4.59
C HIS A 56 -11.21 1.07 5.56
N GLN A 57 -12.06 0.30 6.24
CA GLN A 57 -13.05 0.93 7.12
C GLN A 57 -12.68 0.87 8.62
N PRO A 58 -12.94 1.97 9.35
CA PRO A 58 -12.83 1.98 10.82
C PRO A 58 -13.76 0.95 11.45
N CYS A 59 -13.29 0.31 12.53
CA CYS A 59 -14.08 -0.67 13.25
C CYS A 59 -14.86 -0.05 14.42
N PHE A 60 -16.19 -0.22 14.37
CA PHE A 60 -17.08 0.27 15.41
C PHE A 60 -17.65 -0.85 16.25
N LEU A 61 -17.02 -2.02 16.23
CA LEU A 61 -17.40 -3.07 17.17
C LEU A 61 -16.82 -2.73 18.54
N LYS A 62 -17.63 -2.86 19.58
CA LYS A 62 -17.18 -2.63 20.95
C LYS A 62 -16.45 -3.88 21.48
N ASP A 63 -16.80 -5.05 20.94
CA ASP A 63 -16.31 -6.35 21.41
C ASP A 63 -15.92 -7.24 20.24
N TRP A 64 -14.68 -7.71 20.20
CA TRP A 64 -14.17 -8.39 18.99
C TRP A 64 -13.00 -9.34 19.24
N GLU A 65 -12.81 -10.27 18.30
CA GLU A 65 -11.71 -11.21 18.32
C GLU A 65 -11.16 -11.33 16.92
N MET A 66 -9.85 -11.05 16.79
CA MET A 66 -9.12 -11.16 15.52
C MET A 66 -8.26 -12.40 15.54
N HIS A 67 -8.43 -13.28 14.55
CA HIS A 67 -7.60 -14.46 14.41
C HIS A 67 -6.62 -14.20 13.27
N VAL A 68 -5.33 -14.35 13.54
CA VAL A 68 -4.31 -14.03 12.54
C VAL A 68 -3.48 -15.26 12.23
N HIS A 69 -3.55 -15.68 10.98
CA HIS A 69 -2.72 -16.72 10.46
C HIS A 69 -1.52 -16.00 9.78
N PHE A 70 -0.34 -16.23 10.32
CA PHE A 70 0.85 -15.52 9.89
C PHE A 70 1.92 -16.55 9.73
N LYS A 71 3.03 -16.11 9.13
CA LYS A 71 4.22 -16.91 9.02
C LYS A 71 5.48 -16.03 8.99
N VAL A 72 6.42 -16.39 9.85
CA VAL A 72 7.68 -15.68 9.97
C VAL A 72 8.72 -16.73 9.73
N HIS A 73 9.56 -16.50 8.73
CA HIS A 73 10.50 -17.53 8.30
C HIS A 73 11.69 -16.96 7.56
N GLY A 74 12.85 -17.58 7.71
CA GLY A 74 14.04 -17.10 7.03
C GLY A 74 15.23 -18.02 7.15
N THR A 75 16.32 -17.64 6.49
CA THR A 75 17.53 -18.45 6.43
C THR A 75 18.73 -17.81 7.14
N GLY A 76 18.49 -16.67 7.80
CA GLY A 76 19.50 -16.04 8.65
C GLY A 76 19.86 -16.96 9.80
N LYS A 77 21.16 -17.19 9.99
CA LYS A 77 21.67 -18.16 10.96
C LYS A 77 21.48 -17.66 12.39
N LYS A 78 21.88 -18.46 13.38
CA LYS A 78 21.89 -18.05 14.80
C LYS A 78 20.70 -17.18 15.20
N ASN A 79 21.01 -16.08 15.88
CA ASN A 79 20.06 -15.07 16.29
C ASN A 79 19.95 -13.99 15.21
N LEU A 80 20.43 -14.28 14.01
CA LEU A 80 20.60 -13.24 12.98
C LEU A 80 19.38 -13.06 12.08
N HIS A 81 18.27 -12.67 12.70
CA HIS A 81 17.03 -12.41 11.98
C HIS A 81 16.28 -11.25 12.64
N GLY A 82 15.29 -10.68 11.97
CA GLY A 82 14.51 -9.59 12.53
C GLY A 82 13.63 -8.96 11.47
N ASP A 83 12.77 -8.01 11.84
CA ASP A 83 12.61 -7.55 13.23
C ASP A 83 11.34 -8.16 13.82
N GLY A 84 10.28 -8.22 13.05
CA GLY A 84 9.07 -8.87 13.50
C GLY A 84 7.85 -8.23 12.91
N ILE A 85 6.70 -8.62 13.44
CA ILE A 85 5.40 -8.16 12.97
C ILE A 85 4.74 -7.36 14.09
N ALA A 86 3.97 -6.33 13.70
CA ALA A 86 3.06 -5.68 14.61
C ALA A 86 1.65 -5.73 14.07
N LEU A 87 0.70 -6.02 14.94
CA LEU A 87 -0.74 -5.84 14.67
C LEU A 87 -1.25 -4.61 15.39
N TRP A 88 -2.17 -3.89 14.74
CA TRP A 88 -2.56 -2.57 15.19
C TRP A 88 -4.06 -2.43 15.21
N TYR A 89 -4.56 -1.72 16.19
CA TYR A 89 -5.88 -1.17 16.19
C TYR A 89 -5.66 0.29 16.56
N THR A 90 -5.54 1.18 15.57
CA THR A 90 -5.03 2.52 15.82
C THR A 90 -5.80 3.65 15.17
N ARG A 91 -5.73 4.84 15.75
CA ARG A 91 -6.37 6.03 15.14
C ARG A 91 -5.96 6.23 13.68
N ASP A 92 -4.65 6.24 13.44
CA ASP A 92 -4.08 6.50 12.13
C ASP A 92 -3.67 5.22 11.40
N ARG A 93 -3.68 5.31 10.08
CA ARG A 93 -3.33 4.19 9.20
C ARG A 93 -2.29 4.64 8.17
N LEU A 94 -1.64 3.67 7.54
CA LEU A 94 -0.78 3.86 6.37
C LEU A 94 0.54 4.62 6.59
N VAL A 95 0.81 5.08 7.81
CA VAL A 95 2.08 5.79 8.06
C VAL A 95 3.21 4.83 8.41
N PRO A 96 4.23 4.73 7.54
CA PRO A 96 5.37 3.85 7.81
C PRO A 96 6.30 4.47 8.88
N GLY A 97 7.21 3.69 9.44
CA GLY A 97 8.03 4.19 10.52
C GLY A 97 8.88 3.10 11.08
N PRO A 98 9.49 3.37 12.25
CA PRO A 98 10.44 2.43 12.83
C PRO A 98 9.88 1.32 13.74
N VAL A 99 8.56 1.29 13.99
CA VAL A 99 8.03 0.31 14.93
C VAL A 99 7.43 -0.87 14.13
N PHE A 100 8.27 -1.89 13.91
CA PHE A 100 7.91 -3.03 13.06
C PHE A 100 7.22 -2.56 11.79
N GLY A 101 7.83 -1.54 11.14
CA GLY A 101 7.36 -1.01 9.85
C GLY A 101 6.39 0.16 9.89
N SER A 102 5.91 0.54 11.07
CA SER A 102 4.85 1.55 11.19
C SER A 102 5.23 2.72 12.13
N LYS A 103 4.43 3.78 12.15
CA LYS A 103 4.80 4.96 12.93
C LYS A 103 4.86 4.74 14.44
N ASP A 104 5.81 5.41 15.05
CA ASP A 104 5.92 5.53 16.50
C ASP A 104 4.91 6.55 17.04
N ASN A 105 4.81 6.67 18.38
CA ASN A 105 3.86 7.62 19.01
C ASN A 105 2.44 7.54 18.46
N PHE A 106 1.97 6.29 18.30
CA PHE A 106 0.65 5.97 17.74
C PHE A 106 -0.46 6.11 18.79
N HIS A 107 -1.73 6.07 18.37
CA HIS A 107 -2.86 6.13 19.27
C HIS A 107 -3.58 4.80 19.17
N GLY A 108 -3.66 4.03 20.26
CA GLY A 108 -4.41 2.77 20.25
C GLY A 108 -3.55 1.63 20.74
N LEU A 109 -3.72 0.48 20.12
CA LEU A 109 -3.19 -0.79 20.61
C LEU A 109 -2.19 -1.39 19.63
N ALA A 110 -1.08 -1.91 20.13
CA ALA A 110 -0.17 -2.71 19.33
C ALA A 110 0.08 -4.07 19.96
N ILE A 111 0.15 -5.09 19.12
CA ILE A 111 0.61 -6.39 19.56
C ILE A 111 1.89 -6.67 18.79
N PHE A 112 3.00 -6.82 19.51
CA PHE A 112 4.28 -6.95 18.84
C PHE A 112 4.73 -8.39 18.91
N LEU A 113 5.18 -8.90 17.77
CA LEU A 113 5.79 -10.23 17.71
C LEU A 113 7.25 -9.98 17.37
N ASP A 114 8.06 -9.86 18.43
CA ASP A 114 9.44 -9.41 18.36
C ASP A 114 10.41 -10.59 18.31
N THR A 115 11.20 -10.68 17.24
CA THR A 115 12.07 -11.81 17.02
C THR A 115 13.55 -11.60 17.35
N TYR A 116 13.99 -10.35 17.56
CA TYR A 116 15.39 -10.04 17.87
C TYR A 116 15.58 -9.23 19.16
N PRO A 117 16.33 -9.79 20.14
CA PRO A 117 16.61 -9.07 21.38
C PRO A 117 17.67 -7.98 21.18
N ASN A 118 17.24 -6.73 21.05
CA ASN A 118 18.18 -5.60 21.01
C ASN A 118 18.82 -5.39 22.38
N ASP A 119 18.05 -5.67 23.43
CA ASP A 119 18.47 -5.39 24.81
C ASP A 119 19.58 -6.34 25.23
N GLU A 120 20.80 -5.79 25.28
CA GLU A 120 21.97 -6.50 25.80
C GLU A 120 21.81 -7.07 27.22
N THR A 121 20.96 -6.45 28.03
CA THR A 121 20.78 -6.88 29.43
C THR A 121 19.39 -7.47 29.67
N THR A 122 18.72 -7.88 28.58
CA THR A 122 17.38 -8.50 28.64
C THR A 122 17.33 -9.76 29.49
N GLU A 123 16.17 -9.97 30.11
CA GLU A 123 15.93 -11.13 30.96
C GLU A 123 15.02 -12.10 30.20
N ARG A 124 14.30 -11.53 29.24
CA ARG A 124 13.33 -12.25 28.41
C ARG A 124 13.95 -13.30 27.48
N VAL A 125 13.15 -14.30 27.13
CA VAL A 125 13.48 -15.26 26.09
C VAL A 125 12.65 -14.85 24.86
N PHE A 126 13.34 -14.81 23.72
CA PHE A 126 12.77 -14.43 22.44
C PHE A 126 12.59 -15.63 21.53
N PRO A 127 11.66 -15.55 20.56
CA PRO A 127 10.77 -14.42 20.25
C PRO A 127 9.77 -14.08 21.37
N TYR A 128 9.34 -12.81 21.42
CA TYR A 128 8.57 -12.28 22.55
C TYR A 128 7.36 -11.51 22.04
N ILE A 129 6.17 -11.94 22.47
CA ILE A 129 4.93 -11.28 22.08
C ILE A 129 4.53 -10.34 23.20
N SER A 130 4.26 -9.06 22.89
CA SER A 130 3.86 -8.10 23.94
C SER A 130 2.80 -7.14 23.43
N VAL A 131 2.19 -6.42 24.35
CA VAL A 131 1.12 -5.52 24.00
C VAL A 131 1.52 -4.14 24.48
N MET A 132 1.07 -3.11 23.77
CA MET A 132 1.37 -1.74 24.18
C MET A 132 0.15 -0.92 23.86
N VAL A 133 -0.26 -0.07 24.80
CA VAL A 133 -1.36 0.85 24.60
C VAL A 133 -0.79 2.31 24.64
N ASN A 134 -1.18 3.14 23.69
CA ASN A 134 -0.49 4.40 23.49
C ASN A 134 -1.54 5.44 23.22
N ASN A 135 -1.33 6.63 23.77
CA ASN A 135 -2.20 7.79 23.66
C ASN A 135 -1.45 8.89 22.87
N GLY A 136 -0.41 8.49 22.13
CA GLY A 136 0.42 9.45 21.37
C GLY A 136 1.77 9.77 22.00
N SER A 137 1.93 9.56 23.31
CA SER A 137 3.05 10.13 24.09
C SER A 137 4.27 9.24 24.14
N LEU A 138 4.03 7.94 24.00
CA LEU A 138 5.06 6.94 24.20
C LEU A 138 5.74 6.59 22.91
N SER A 139 7.02 6.34 23.05
CA SER A 139 7.84 5.95 21.96
C SER A 139 8.29 4.52 22.31
N TYR A 140 8.24 3.61 21.33
CA TYR A 140 8.79 2.28 21.48
C TYR A 140 10.32 2.38 21.47
N ASP A 141 10.98 1.93 22.53
CA ASP A 141 12.44 1.99 22.66
C ASP A 141 13.06 0.65 22.18
N HIS A 142 13.70 0.68 21.02
CA HIS A 142 14.23 -0.53 20.40
C HIS A 142 15.37 -1.13 21.22
N SER A 143 16.26 -0.24 21.69
CA SER A 143 17.46 -0.64 22.44
C SER A 143 17.15 -1.48 23.68
N LYS A 144 15.94 -1.32 24.20
CA LYS A 144 15.49 -2.11 25.33
C LYS A 144 14.30 -2.98 24.94
N ASP A 145 14.03 -3.12 23.65
CA ASP A 145 12.95 -3.99 23.15
C ASP A 145 11.58 -3.55 23.70
N GLY A 146 11.41 -2.24 23.85
CA GLY A 146 10.15 -1.67 24.34
C GLY A 146 9.79 -2.01 25.77
N ARG A 147 10.79 -2.42 26.55
CA ARG A 147 10.66 -2.84 27.95
C ARG A 147 9.88 -1.81 28.79
N TRP A 148 10.20 -0.52 28.61
CA TRP A 148 9.58 0.58 29.36
C TRP A 148 8.08 0.74 29.10
N THR A 149 7.61 0.31 27.94
CA THR A 149 6.23 0.58 27.54
C THR A 149 5.34 -0.67 27.39
N GLU A 150 5.88 -1.84 27.71
CA GLU A 150 5.14 -3.10 27.60
C GLU A 150 4.16 -3.26 28.76
N LEU A 151 2.88 -3.48 28.47
CA LEU A 151 1.90 -3.83 29.50
C LEU A 151 2.05 -5.25 30.00
N ALA A 152 2.08 -6.19 29.05
CA ALA A 152 2.20 -7.61 29.34
C ALA A 152 2.86 -8.29 28.16
N GLY A 153 3.36 -9.51 28.35
CA GLY A 153 4.05 -10.24 27.29
C GLY A 153 4.30 -11.69 27.65
N CYS A 154 4.83 -12.46 26.70
CA CYS A 154 5.13 -13.87 26.87
C CYS A 154 6.14 -14.30 25.81
N THR A 155 7.04 -15.21 26.15
CA THR A 155 7.87 -15.84 25.12
C THR A 155 7.00 -16.74 24.23
N ALA A 156 7.28 -16.77 22.93
CA ALA A 156 6.51 -17.58 21.99
C ALA A 156 7.35 -18.02 20.78
N ASP A 157 7.34 -19.33 20.52
CA ASP A 157 8.21 -19.96 19.52
C ASP A 157 7.44 -20.01 18.20
N PHE A 158 7.37 -18.86 17.52
CA PHE A 158 6.55 -18.77 16.30
C PHE A 158 7.35 -18.73 15.02
N ARG A 159 8.67 -18.81 15.12
CA ARG A 159 9.55 -18.64 13.97
C ARG A 159 10.01 -19.97 13.34
N ASN A 160 9.94 -20.05 12.01
CA ASN A 160 10.46 -21.21 11.26
C ASN A 160 9.81 -22.51 11.71
N ARG A 161 8.50 -22.59 11.54
CA ARG A 161 7.75 -23.71 12.04
C ARG A 161 7.24 -24.58 10.91
N ASP A 162 7.12 -25.88 11.16
CA ASP A 162 6.78 -26.85 10.12
C ASP A 162 5.30 -27.05 9.90
N HIS A 163 4.51 -26.17 10.49
CA HIS A 163 3.05 -26.24 10.45
C HIS A 163 2.57 -24.81 10.65
N ASP A 164 1.31 -24.56 10.36
CA ASP A 164 0.73 -23.24 10.49
C ASP A 164 0.86 -22.63 11.90
N THR A 165 1.00 -21.30 11.95
CA THR A 165 1.08 -20.55 13.22
C THR A 165 0.00 -19.48 13.25
N PHE A 166 -0.75 -19.41 14.35
CA PHE A 166 -1.84 -18.45 14.50
C PHE A 166 -1.69 -17.69 15.83
N LEU A 167 -2.33 -16.53 15.87
CA LEU A 167 -2.44 -15.72 17.08
C LEU A 167 -3.90 -15.29 17.15
N ALA A 168 -4.47 -15.24 18.35
CA ALA A 168 -5.79 -14.66 18.56
C ALA A 168 -5.69 -13.43 19.48
N VAL A 169 -6.41 -12.37 19.15
CA VAL A 169 -6.40 -11.15 19.94
C VAL A 169 -7.85 -10.84 20.21
N ARG A 170 -8.25 -10.88 21.47
CA ARG A 170 -9.66 -10.69 21.83
C ARG A 170 -9.78 -9.43 22.69
N TYR A 171 -10.72 -8.56 22.38
CA TYR A 171 -10.92 -7.38 23.18
C TYR A 171 -12.43 -7.21 23.48
N SER A 172 -12.78 -7.26 24.76
CA SER A 172 -14.19 -7.15 25.17
C SER A 172 -14.27 -6.74 26.64
N ARG A 173 -14.97 -5.63 26.88
CA ARG A 173 -15.25 -5.10 28.21
C ARG A 173 -13.97 -4.86 28.98
N GLY A 174 -12.99 -4.20 28.35
CA GLY A 174 -11.77 -3.82 29.03
C GLY A 174 -10.76 -4.93 29.11
N ARG A 175 -11.15 -6.14 28.73
CA ARG A 175 -10.28 -7.29 28.86
C ARG A 175 -9.57 -7.51 27.56
N LEU A 176 -8.26 -7.69 27.62
CA LEU A 176 -7.49 -7.92 26.42
C LEU A 176 -6.77 -9.24 26.53
N THR A 177 -7.05 -10.15 25.62
CA THR A 177 -6.46 -11.48 25.69
C THR A 177 -5.72 -11.79 24.39
N VAL A 178 -4.50 -12.28 24.52
CA VAL A 178 -3.75 -12.73 23.35
C VAL A 178 -3.41 -14.18 23.57
N MET A 179 -3.77 -15.01 22.60
CA MET A 179 -3.42 -16.44 22.65
C MET A 179 -2.70 -16.92 21.39
N THR A 180 -1.92 -17.99 21.52
CA THR A 180 -1.16 -18.51 20.40
C THR A 180 -1.53 -19.98 20.00
N ASP A 181 -1.35 -20.29 18.72
CA ASP A 181 -1.46 -21.69 18.26
C ASP A 181 -0.27 -21.97 17.35
N LEU A 182 0.78 -22.50 17.96
CA LEU A 182 2.11 -22.57 17.36
C LEU A 182 2.64 -24.01 17.27
N GLU A 183 1.88 -24.95 17.81
CA GLU A 183 2.40 -26.30 18.11
C GLU A 183 1.67 -27.40 17.34
N ASP A 184 0.67 -26.99 16.57
CA ASP A 184 -0.12 -27.91 15.78
C ASP A 184 -1.05 -28.76 16.67
N LYS A 185 -1.39 -28.23 17.85
CA LYS A 185 -2.32 -28.93 18.75
C LYS A 185 -3.76 -28.48 18.57
N ASN A 186 -4.00 -27.61 17.60
CA ASN A 186 -5.35 -27.06 17.38
C ASN A 186 -5.93 -26.47 18.70
N GLU A 187 -5.05 -25.78 19.43
CA GLU A 187 -5.34 -25.24 20.76
C GLU A 187 -4.81 -23.79 20.92
N TRP A 188 -5.65 -22.91 21.45
CA TRP A 188 -5.22 -21.57 21.91
C TRP A 188 -4.54 -21.63 23.27
N LYS A 189 -3.25 -21.36 23.28
CA LYS A 189 -2.47 -21.34 24.48
C LYS A 189 -2.37 -19.89 24.97
N ASN A 190 -2.57 -19.65 26.27
CA ASN A 190 -2.54 -18.29 26.73
C ASN A 190 -1.14 -17.69 26.65
N CYS A 191 -1.13 -16.38 26.52
CA CYS A 191 0.08 -15.63 26.38
C CYS A 191 -0.13 -14.41 27.26
N ILE A 192 -1.23 -13.70 27.03
CA ILE A 192 -1.51 -12.46 27.72
C ILE A 192 -2.97 -12.40 28.10
N ASP A 193 -3.26 -11.99 29.33
CA ASP A 193 -4.66 -11.76 29.72
C ASP A 193 -4.68 -10.63 30.77
N ILE A 194 -5.12 -9.44 30.35
CA ILE A 194 -5.17 -8.27 31.24
C ILE A 194 -6.50 -7.58 31.10
N THR A 195 -6.84 -6.78 32.11
CA THR A 195 -8.06 -5.98 32.14
C THR A 195 -7.74 -4.49 32.44
N GLY A 196 -8.75 -3.64 32.38
CA GLY A 196 -8.59 -2.19 32.53
C GLY A 196 -8.08 -1.52 31.26
N VAL A 197 -8.18 -2.19 30.10
CA VAL A 197 -7.74 -1.59 28.83
C VAL A 197 -8.88 -0.80 28.21
N ARG A 198 -8.63 0.50 27.99
CA ARG A 198 -9.60 1.42 27.50
C ARG A 198 -9.25 1.84 26.06
N LEU A 199 -10.10 1.46 25.11
CA LEU A 199 -9.87 1.76 23.70
C LEU A 199 -11.15 2.23 23.07
N PRO A 200 -11.08 3.24 22.19
CA PRO A 200 -12.31 3.67 21.53
C PRO A 200 -12.75 2.77 20.37
N THR A 201 -13.96 3.01 19.87
CA THR A 201 -14.37 2.49 18.56
C THR A 201 -13.90 3.47 17.48
N GLY A 202 -13.97 3.05 16.21
CA GLY A 202 -13.62 3.90 15.09
C GLY A 202 -12.14 3.88 14.75
N TYR A 203 -11.40 2.91 15.25
CA TYR A 203 -10.00 2.78 14.92
C TYR A 203 -9.83 1.77 13.77
N TYR A 204 -8.63 1.68 13.21
CA TYR A 204 -8.34 0.80 12.06
C TYR A 204 -7.52 -0.38 12.48
N PHE A 205 -7.84 -1.55 11.94
CA PHE A 205 -6.98 -2.74 12.01
C PHE A 205 -5.87 -2.68 10.96
N GLY A 206 -4.68 -3.14 11.33
CA GLY A 206 -3.56 -3.17 10.41
C GLY A 206 -2.53 -4.12 10.90
N ALA A 207 -1.60 -4.47 10.03
CA ALA A 207 -0.46 -5.35 10.33
C ALA A 207 0.69 -4.72 9.60
N SER A 208 1.89 -4.82 10.16
CA SER A 208 3.08 -4.27 9.55
C SER A 208 4.20 -5.15 9.99
N ALA A 209 5.33 -5.03 9.31
CA ALA A 209 6.53 -5.72 9.66
C ALA A 209 7.70 -4.86 9.22
N GLY A 210 8.86 -5.05 9.85
CA GLY A 210 10.05 -4.38 9.38
C GLY A 210 11.25 -5.28 9.48
N THR A 211 12.31 -4.89 8.78
CA THR A 211 13.62 -5.55 8.86
C THR A 211 14.63 -4.40 8.96
N GLY A 212 15.80 -4.66 9.53
CA GLY A 212 16.83 -3.63 9.73
C GLY A 212 18.10 -4.14 9.15
N ASP A 213 19.12 -4.31 10.00
CA ASP A 213 20.38 -4.91 9.57
C ASP A 213 20.20 -6.40 9.45
N LEU A 214 19.12 -6.89 10.08
CA LEU A 214 18.67 -8.28 10.01
C LEU A 214 17.28 -8.35 9.40
N SER A 215 16.96 -9.50 8.80
CA SER A 215 15.75 -9.63 7.99
C SER A 215 15.04 -10.97 8.21
N ASP A 216 13.91 -11.16 7.54
CA ASP A 216 13.14 -12.38 7.70
C ASP A 216 11.99 -12.16 6.76
N ASN A 217 11.39 -13.23 6.24
CA ASN A 217 10.08 -13.10 5.59
C ASN A 217 9.00 -12.93 6.66
N HIS A 218 8.11 -11.95 6.48
CA HIS A 218 6.95 -11.71 7.34
C HIS A 218 5.69 -11.73 6.49
N ASP A 219 4.95 -12.84 6.61
CA ASP A 219 3.71 -13.12 5.86
C ASP A 219 2.45 -13.10 6.73
N ILE A 220 1.37 -12.55 6.16
CA ILE A 220 0.03 -12.64 6.72
C ILE A 220 -0.76 -13.48 5.70
N ILE A 221 -1.27 -14.64 6.14
CA ILE A 221 -2.10 -15.48 5.27
C ILE A 221 -3.56 -15.00 5.35
N SER A 222 -4.08 -14.82 6.57
CA SER A 222 -5.43 -14.32 6.77
C SER A 222 -5.58 -13.59 8.11
N MET A 223 -6.54 -12.67 8.14
CA MET A 223 -6.98 -12.05 9.36
C MET A 223 -8.50 -12.13 9.37
N LYS A 224 -9.06 -12.83 10.36
CA LYS A 224 -10.50 -12.98 10.46
C LYS A 224 -10.99 -12.31 11.73
N LEU A 225 -11.83 -11.30 11.55
CA LEU A 225 -12.36 -10.55 12.65
C LEU A 225 -13.80 -11.02 12.94
N PHE A 226 -14.06 -11.45 14.18
CA PHE A 226 -15.38 -11.84 14.65
C PHE A 226 -16.00 -10.86 15.64
N GLN A 227 -17.26 -10.49 15.40
CA GLN A 227 -18.02 -9.75 16.41
C GLN A 227 -18.40 -10.68 17.56
N LEU A 228 -18.15 -10.24 18.78
CA LEU A 228 -18.53 -11.01 19.96
C LEU A 228 -19.92 -10.58 20.45
N MET A 229 -20.73 -11.56 20.84
CA MET A 229 -22.09 -11.28 21.31
C MET A 229 -22.08 -10.86 22.78
N VAL A 230 -22.08 -9.55 23.01
CA VAL A 230 -21.85 -9.01 24.34
C VAL A 230 -22.87 -7.93 24.66
N GLU A 231 -23.66 -8.20 25.69
CA GLU A 231 -24.67 -7.28 26.17
C GLU A 231 -24.02 -6.03 26.76
N HIS A 232 -24.59 -4.88 26.44
CA HIS A 232 -24.21 -3.61 27.05
C HIS A 232 -25.47 -2.89 27.54
N THR A 233 -25.41 -2.38 28.77
CA THR A 233 -26.54 -1.65 29.36
C THR A 233 -26.40 -0.14 29.19
N ILE A 239 -23.25 7.52 26.01
CA ILE A 239 -21.81 7.35 26.00
C ILE A 239 -21.26 7.24 24.56
N ASP A 240 -20.33 8.12 24.22
CA ASP A 240 -19.70 8.14 22.88
C ASP A 240 -18.39 7.34 22.87
N TRP A 241 -18.44 6.15 22.29
CA TRP A 241 -17.32 5.24 22.32
C TRP A 241 -16.16 5.66 21.43
N THR A 242 -16.42 6.55 20.45
CA THR A 242 -15.35 7.06 19.58
C THR A 242 -14.44 8.07 20.29
N LYS A 243 -14.88 8.59 21.43
CA LYS A 243 -14.14 9.61 22.16
C LYS A 243 -13.29 9.06 23.32
N ILE A 244 -13.35 7.75 23.54
CA ILE A 244 -12.53 7.11 24.56
C ILE A 244 -11.04 7.34 24.22
N GLU A 245 -10.27 7.83 25.19
CA GLU A 245 -8.83 7.97 25.00
C GLU A 245 -8.19 6.62 25.29
N PRO A 246 -7.23 6.18 24.46
CA PRO A 246 -6.56 4.91 24.77
C PRO A 246 -5.74 5.03 26.05
N SER A 247 -6.05 4.17 27.02
CA SER A 247 -5.34 4.17 28.30
C SER A 247 -5.55 2.82 28.97
N VAL A 248 -4.87 2.63 30.09
CA VAL A 248 -4.96 1.42 30.88
C VAL A 248 -5.16 1.87 32.32
N ASN A 249 -6.11 1.25 33.00
CA ASN A 249 -6.29 1.43 34.42
C ASN A 249 -5.67 0.25 35.16
N PHE A 250 -4.98 0.54 36.26
CA PHE A 250 -4.26 -0.49 37.01
C PHE A 250 -4.86 -0.79 38.38
N LEU A 251 -4.95 -2.08 38.70
CA LEU A 251 -5.22 -2.55 40.05
C LEU A 251 -4.06 -2.14 40.97
N LYS A 252 -4.41 -1.58 42.11
CA LYS A 252 -3.44 -1.14 43.11
C LYS A 252 -2.83 -2.34 43.82
N SER A 253 -1.56 -2.25 44.20
CA SER A 253 -0.86 -3.40 44.76
C SER A 253 -1.31 -3.72 46.20
N HIS B 5 -4.18 28.15 -9.60
CA HIS B 5 -5.20 27.06 -9.60
C HIS B 5 -4.60 25.67 -9.30
N LEU B 6 -3.35 25.65 -8.85
CA LEU B 6 -2.68 24.41 -8.46
C LEU B 6 -3.30 23.81 -7.19
N LYS B 7 -3.76 22.56 -7.28
CA LYS B 7 -4.26 21.83 -6.12
C LYS B 7 -3.16 21.02 -5.44
N ARG B 8 -2.52 21.63 -4.44
CA ARG B 8 -1.38 21.04 -3.74
C ARG B 8 -1.66 19.72 -3.04
N GLU B 9 -2.93 19.48 -2.70
CA GLU B 9 -3.32 18.22 -2.05
C GLU B 9 -3.34 17.05 -3.04
N HIS B 10 -3.38 17.36 -4.34
CA HIS B 10 -3.37 16.37 -5.41
C HIS B 10 -2.06 16.43 -6.23
N SER B 11 -1.07 17.13 -5.70
CA SER B 11 0.22 17.27 -6.34
C SER B 11 1.34 16.58 -5.56
N LEU B 12 2.38 16.17 -6.29
CA LEU B 12 3.56 15.53 -5.72
C LEU B 12 4.76 16.37 -6.08
N ILE B 13 5.31 17.10 -5.09
CA ILE B 13 6.43 18.01 -5.32
C ILE B 13 7.59 17.76 -4.36
N LYS B 14 8.82 17.89 -4.84
CA LYS B 14 9.98 17.56 -4.00
C LYS B 14 10.14 18.47 -2.78
N PRO B 15 10.74 17.95 -1.67
CA PRO B 15 11.29 16.60 -1.48
C PRO B 15 10.27 15.58 -0.97
N TYR B 16 9.01 15.74 -1.37
CA TYR B 16 7.96 14.72 -1.21
C TYR B 16 7.60 14.45 0.25
N GLN B 17 7.43 15.53 1.02
CA GLN B 17 7.12 15.42 2.44
C GLN B 17 5.81 16.11 2.78
N GLY B 18 4.91 16.17 1.80
CA GLY B 18 3.64 16.89 1.95
C GLY B 18 2.57 16.14 2.72
N VAL B 19 1.85 16.86 3.57
CA VAL B 19 0.81 16.25 4.41
C VAL B 19 -0.50 17.01 4.26
N GLY B 20 -1.60 16.31 4.52
CA GLY B 20 -2.93 16.91 4.44
C GLY B 20 -3.29 17.77 5.65
N SER B 21 -4.53 18.26 5.63
CA SER B 21 -5.07 19.11 6.70
C SER B 21 -5.24 18.32 8.00
N SER B 22 -5.38 17.00 7.89
CA SER B 22 -5.46 16.11 9.05
C SER B 22 -4.08 15.49 9.37
N SER B 23 -3.06 15.99 8.68
CA SER B 23 -1.64 15.71 8.96
C SER B 23 -1.04 14.38 8.44
N MET B 24 -1.81 13.65 7.65
CA MET B 24 -1.34 12.41 7.02
C MET B 24 -0.55 12.69 5.71
N PRO B 25 0.42 11.83 5.37
CA PRO B 25 1.09 11.95 4.06
C PRO B 25 0.08 12.15 2.92
N LEU B 26 0.36 13.10 2.02
CA LEU B 26 -0.47 13.30 0.81
C LEU B 26 -0.38 12.15 -0.20
N TRP B 27 0.74 11.42 -0.18
CA TRP B 27 0.94 10.26 -1.06
C TRP B 27 1.40 9.06 -0.29
N ASP B 28 0.88 7.89 -0.64
CA ASP B 28 1.33 6.60 -0.12
C ASP B 28 2.04 5.81 -1.22
N PHE B 29 3.09 5.10 -0.84
CA PHE B 29 3.84 4.29 -1.80
C PHE B 29 3.86 2.81 -1.46
N GLN B 30 4.12 2.00 -2.48
CA GLN B 30 4.16 0.56 -2.33
C GLN B 30 5.21 -0.02 -3.29
N GLY B 31 5.73 -1.20 -2.95
CA GLY B 31 6.57 -1.99 -3.83
C GLY B 31 8.00 -1.52 -3.68
N SER B 32 8.71 -1.43 -4.80
CA SER B 32 10.11 -0.98 -4.81
C SER B 32 10.30 0.54 -4.64
N THR B 33 9.21 1.32 -4.67
CA THR B 33 9.26 2.79 -4.60
C THR B 33 10.10 3.33 -3.41
N ILE B 34 11.03 4.25 -3.70
CA ILE B 34 11.77 4.99 -2.67
C ILE B 34 11.59 6.49 -2.93
N LEU B 35 11.54 7.29 -1.87
CA LEU B 35 11.57 8.74 -2.04
C LEU B 35 12.99 9.19 -1.78
N THR B 36 13.52 10.00 -2.70
CA THR B 36 14.81 10.69 -2.47
C THR B 36 14.57 12.21 -2.54
N SER B 37 15.62 12.99 -2.31
CA SER B 37 15.50 14.45 -2.37
C SER B 37 15.18 14.95 -3.79
N GLN B 38 15.68 14.27 -4.83
CA GLN B 38 15.50 14.73 -6.23
C GLN B 38 14.35 14.09 -7.04
N TYR B 39 13.91 12.89 -6.63
CA TYR B 39 12.89 12.12 -7.36
C TYR B 39 12.24 11.03 -6.48
N VAL B 40 11.05 10.63 -6.87
CA VAL B 40 10.48 9.36 -6.43
C VAL B 40 10.89 8.28 -7.45
N ARG B 41 11.75 7.35 -7.06
CA ARG B 41 12.09 6.26 -7.95
C ARG B 41 11.09 5.09 -7.74
N LEU B 42 10.26 4.87 -8.74
CA LEU B 42 9.30 3.78 -8.74
C LEU B 42 9.99 2.42 -8.84
N THR B 43 10.94 2.29 -9.76
CA THR B 43 11.79 1.11 -9.85
C THR B 43 13.24 1.51 -10.08
N PRO B 44 14.19 0.75 -9.47
CA PRO B 44 15.57 0.87 -9.89
C PRO B 44 15.79 0.16 -11.25
N ASP B 45 17.00 0.27 -11.79
CA ASP B 45 17.35 -0.41 -13.04
C ASP B 45 17.68 -1.87 -12.71
N GLU B 46 16.68 -2.58 -12.18
CA GLU B 46 16.87 -3.94 -11.70
C GLU B 46 15.69 -4.76 -12.19
N ARG B 47 15.95 -6.04 -12.48
CA ARG B 47 14.90 -6.92 -12.99
C ARG B 47 13.83 -7.24 -11.94
N SER B 48 12.60 -7.42 -12.42
CA SER B 48 11.44 -7.92 -11.65
C SER B 48 11.04 -7.04 -10.48
N LYS B 49 10.91 -5.75 -10.76
CA LYS B 49 10.52 -4.76 -9.75
C LYS B 49 9.18 -4.12 -10.16
N GLU B 50 8.38 -3.76 -9.16
CA GLU B 50 7.16 -3.00 -9.37
C GLU B 50 7.04 -1.98 -8.24
N GLY B 51 6.64 -0.75 -8.54
CA GLY B 51 6.52 0.27 -7.52
C GLY B 51 5.38 1.19 -7.89
N SER B 52 4.70 1.72 -6.87
CA SER B 52 3.63 2.67 -7.09
C SER B 52 3.65 3.76 -6.05
N ILE B 53 2.87 4.79 -6.33
CA ILE B 53 2.65 5.88 -5.42
C ILE B 53 1.25 6.41 -5.76
N TRP B 54 0.45 6.58 -4.72
CA TRP B 54 -0.96 6.89 -4.82
C TRP B 54 -1.31 8.06 -3.93
N ASN B 55 -2.07 9.00 -4.49
CA ASN B 55 -2.66 10.13 -3.77
C ASN B 55 -3.56 9.61 -2.65
N HIS B 56 -3.37 10.14 -1.44
CA HIS B 56 -4.15 9.73 -0.27
C HIS B 56 -5.61 10.20 -0.34
N GLN B 57 -5.85 11.36 -0.93
CA GLN B 57 -7.20 11.93 -0.98
C GLN B 57 -7.88 11.77 -2.34
N PRO B 58 -9.14 11.30 -2.37
CA PRO B 58 -9.90 11.19 -3.63
C PRO B 58 -10.01 12.53 -4.36
N CYS B 59 -10.21 12.48 -5.68
CA CYS B 59 -10.39 13.70 -6.49
C CYS B 59 -11.86 13.97 -6.82
N PHE B 60 -12.32 15.17 -6.44
CA PHE B 60 -13.70 15.55 -6.71
C PHE B 60 -13.80 16.67 -7.73
N LEU B 61 -12.72 16.85 -8.49
CA LEU B 61 -12.70 17.77 -9.63
C LEU B 61 -13.44 17.18 -10.83
N LYS B 62 -14.09 18.06 -11.57
CA LYS B 62 -14.90 17.70 -12.72
C LYS B 62 -14.05 17.87 -13.98
N ASP B 63 -13.24 18.92 -13.95
CA ASP B 63 -12.34 19.25 -15.05
C ASP B 63 -11.01 19.60 -14.43
N TRP B 64 -9.99 18.80 -14.76
CA TRP B 64 -8.66 18.98 -14.18
C TRP B 64 -7.56 18.83 -15.20
N GLU B 65 -6.38 19.32 -14.85
CA GLU B 65 -5.20 19.16 -15.69
C GLU B 65 -3.97 18.71 -14.90
N MET B 66 -3.50 17.49 -15.20
CA MET B 66 -2.33 16.90 -14.55
C MET B 66 -1.05 16.99 -15.39
N HIS B 67 -0.07 17.74 -14.90
CA HIS B 67 1.25 17.77 -15.52
C HIS B 67 2.19 16.80 -14.79
N VAL B 68 2.87 15.92 -15.53
CA VAL B 68 3.86 15.00 -14.98
C VAL B 68 5.29 15.22 -15.49
N HIS B 69 6.18 15.56 -14.58
CA HIS B 69 7.59 15.53 -14.88
C HIS B 69 8.17 14.17 -14.45
N PHE B 70 8.69 13.42 -15.42
CA PHE B 70 9.11 12.02 -15.19
C PHE B 70 10.46 11.80 -15.85
N LYS B 71 11.09 10.66 -15.52
CA LYS B 71 12.34 10.27 -16.14
C LYS B 71 12.44 8.76 -16.24
N VAL B 72 12.59 8.26 -17.47
CA VAL B 72 12.83 6.85 -17.73
C VAL B 72 14.20 6.71 -18.35
N HIS B 73 15.11 6.05 -17.62
CA HIS B 73 16.50 6.01 -18.05
C HIS B 73 17.14 4.74 -17.57
N GLY B 74 18.13 4.25 -18.32
CA GLY B 74 18.82 3.04 -17.91
C GLY B 74 19.98 2.67 -18.81
N THR B 75 20.68 1.62 -18.43
CA THR B 75 21.89 1.18 -19.13
C THR B 75 21.63 0.24 -20.28
N GLY B 76 20.39 -0.25 -20.39
CA GLY B 76 20.03 -1.24 -21.41
C GLY B 76 20.19 -0.71 -22.83
N LYS B 77 21.00 -1.40 -23.64
CA LYS B 77 21.28 -1.02 -25.04
C LYS B 77 20.19 -1.49 -25.99
N LYS B 78 20.03 -0.78 -27.11
CA LYS B 78 19.07 -1.15 -28.16
C LYS B 78 17.66 -1.24 -27.58
N ASN B 79 16.92 -2.32 -27.87
CA ASN B 79 15.55 -2.44 -27.34
C ASN B 79 15.48 -3.17 -25.99
N LEU B 80 16.63 -3.40 -25.37
CA LEU B 80 16.71 -4.25 -24.19
C LEU B 80 16.48 -3.48 -22.87
N HIS B 81 15.23 -3.14 -22.63
CA HIS B 81 14.80 -2.34 -21.48
C HIS B 81 13.29 -2.47 -21.35
N GLY B 82 12.75 -2.09 -20.20
CA GLY B 82 11.31 -2.15 -19.94
C GLY B 82 10.98 -1.93 -18.47
N ASP B 83 9.71 -1.89 -18.09
CA ASP B 83 8.56 -2.08 -18.96
C ASP B 83 7.86 -0.77 -19.24
N GLY B 84 7.94 0.16 -18.31
CA GLY B 84 7.31 1.46 -18.50
C GLY B 84 6.62 1.96 -17.26
N ILE B 85 5.94 3.11 -17.41
CA ILE B 85 5.21 3.79 -16.34
C ILE B 85 3.74 3.82 -16.71
N ALA B 86 2.88 3.63 -15.72
CA ALA B 86 1.45 3.89 -15.87
C ALA B 86 1.00 5.02 -14.96
N LEU B 87 0.05 5.80 -15.46
CA LEU B 87 -0.58 6.86 -14.70
C LEU B 87 -2.02 6.51 -14.60
N TRP B 88 -2.58 6.78 -13.43
CA TRP B 88 -3.88 6.24 -13.06
C TRP B 88 -4.85 7.32 -12.60
N TYR B 89 -6.12 7.09 -12.87
CA TYR B 89 -7.20 7.80 -12.23
C TYR B 89 -8.25 6.73 -12.01
N THR B 90 -8.13 6.02 -10.89
CA THR B 90 -8.89 4.80 -10.66
C THR B 90 -9.62 4.85 -9.33
N ARG B 91 -10.62 3.99 -9.14
CA ARG B 91 -11.28 4.02 -7.84
C ARG B 91 -10.47 3.33 -6.76
N ASP B 92 -9.82 2.21 -7.09
CA ASP B 92 -8.92 1.51 -6.17
C ASP B 92 -7.48 2.06 -6.22
N ARG B 93 -6.90 2.31 -5.03
CA ARG B 93 -5.51 2.75 -4.90
C ARG B 93 -4.74 1.66 -4.15
N LEU B 94 -3.41 1.68 -4.28
CA LEU B 94 -2.53 0.80 -3.51
C LEU B 94 -2.89 -0.66 -3.60
N VAL B 95 -3.24 -1.12 -4.81
CA VAL B 95 -3.32 -2.54 -5.08
C VAL B 95 -2.22 -2.83 -6.09
N PRO B 96 -1.24 -3.67 -5.72
CA PRO B 96 -0.21 -4.03 -6.68
C PRO B 96 -0.82 -5.00 -7.69
N GLY B 97 -0.16 -5.15 -8.83
CA GLY B 97 -0.57 -6.10 -9.84
C GLY B 97 0.38 -6.14 -11.03
N PRO B 98 -0.03 -6.81 -12.10
CA PRO B 98 0.84 -7.04 -13.26
C PRO B 98 0.82 -5.91 -14.30
N VAL B 99 -0.06 -4.94 -14.15
CA VAL B 99 -0.18 -3.85 -15.12
C VAL B 99 0.69 -2.67 -14.73
N PHE B 100 1.93 -2.71 -15.20
CA PHE B 100 2.98 -1.77 -14.81
C PHE B 100 2.91 -1.55 -13.30
N GLY B 101 2.97 -2.64 -12.52
CA GLY B 101 2.97 -2.54 -11.06
C GLY B 101 1.66 -2.33 -10.33
N SER B 102 0.55 -2.18 -11.04
CA SER B 102 -0.77 -2.00 -10.42
C SER B 102 -1.82 -3.02 -10.90
N LYS B 103 -2.99 -3.05 -10.24
CA LYS B 103 -3.99 -4.07 -10.51
C LYS B 103 -4.54 -4.01 -11.93
N ASP B 104 -4.76 -5.20 -12.50
CA ASP B 104 -5.55 -5.37 -13.73
C ASP B 104 -7.04 -5.18 -13.38
N ASN B 105 -7.93 -5.27 -14.36
CA ASN B 105 -9.40 -5.19 -14.11
C ASN B 105 -9.80 -3.95 -13.32
N PHE B 106 -9.02 -2.88 -13.47
CA PHE B 106 -9.24 -1.64 -12.75
C PHE B 106 -10.50 -0.94 -13.22
N HIS B 107 -10.95 0.06 -12.46
CA HIS B 107 -12.06 0.91 -12.84
C HIS B 107 -11.50 2.31 -12.98
N GLY B 108 -11.61 2.89 -14.17
CA GLY B 108 -11.14 4.24 -14.41
C GLY B 108 -10.20 4.35 -15.60
N LEU B 109 -9.28 5.30 -15.51
CA LEU B 109 -8.36 5.66 -16.57
C LEU B 109 -6.90 5.23 -16.33
N ALA B 110 -6.28 4.69 -17.37
CA ALA B 110 -4.84 4.43 -17.37
C ALA B 110 -4.20 5.16 -18.54
N ILE B 111 -3.10 5.85 -18.29
CA ILE B 111 -2.24 6.32 -19.34
C ILE B 111 -0.94 5.53 -19.26
N PHE B 112 -0.66 4.71 -20.29
CA PHE B 112 0.55 3.91 -20.37
C PHE B 112 1.69 4.50 -21.20
N LEU B 113 2.86 4.59 -20.57
CA LEU B 113 4.11 4.96 -21.20
C LEU B 113 4.93 3.67 -21.36
N ASP B 114 4.73 3.00 -22.48
CA ASP B 114 5.24 1.63 -22.67
C ASP B 114 6.54 1.63 -23.48
N THR B 115 7.63 1.15 -22.90
CA THR B 115 8.93 1.15 -23.57
C THR B 115 9.35 -0.18 -24.20
N TYR B 116 8.62 -1.26 -23.93
CA TYR B 116 8.97 -2.56 -24.51
C TYR B 116 7.85 -3.25 -25.32
N PRO B 117 8.13 -3.53 -26.61
CA PRO B 117 7.19 -4.27 -27.44
C PRO B 117 7.29 -5.77 -27.21
N ASN B 118 6.28 -6.32 -26.55
CA ASN B 118 6.11 -7.76 -26.45
C ASN B 118 5.65 -8.37 -27.77
N ASP B 119 4.81 -7.62 -28.49
CA ASP B 119 4.26 -8.01 -29.77
C ASP B 119 5.39 -8.07 -30.81
N GLU B 120 5.81 -9.31 -31.10
CA GLU B 120 6.89 -9.57 -32.07
C GLU B 120 6.56 -9.04 -33.45
N THR B 121 5.27 -9.09 -33.80
CA THR B 121 4.80 -8.94 -35.17
C THR B 121 4.13 -7.58 -35.47
N THR B 122 4.67 -6.51 -34.90
CA THR B 122 4.10 -5.18 -35.10
C THR B 122 5.05 -4.20 -35.79
N GLU B 123 4.48 -3.10 -36.27
CA GLU B 123 5.24 -2.04 -36.93
C GLU B 123 5.09 -0.69 -36.21
N ARG B 124 4.50 -0.74 -35.02
CA ARG B 124 4.45 0.43 -34.13
C ARG B 124 5.84 0.77 -33.61
N VAL B 125 6.20 2.04 -33.65
CA VAL B 125 7.48 2.50 -33.18
C VAL B 125 7.38 2.71 -31.66
N PHE B 126 8.36 2.22 -30.93
CA PHE B 126 8.39 2.32 -29.46
C PHE B 126 9.46 3.29 -28.98
N PRO B 127 9.24 3.92 -27.80
CA PRO B 127 8.09 3.83 -26.88
C PRO B 127 6.76 4.38 -27.41
N TYR B 128 5.66 3.84 -26.90
CA TYR B 128 4.32 4.22 -27.29
C TYR B 128 3.46 4.58 -26.08
N ILE B 129 2.90 5.81 -26.10
CA ILE B 129 2.01 6.30 -25.06
C ILE B 129 0.57 6.07 -25.50
N SER B 130 -0.19 5.27 -24.72
CA SER B 130 -1.58 4.99 -25.02
C SER B 130 -2.47 5.18 -23.79
N VAL B 131 -3.77 5.30 -24.02
CA VAL B 131 -4.76 5.38 -22.95
C VAL B 131 -5.74 4.23 -23.00
N MET B 132 -6.31 3.91 -21.84
CA MET B 132 -7.29 2.85 -21.69
C MET B 132 -8.33 3.32 -20.68
N VAL B 133 -9.60 3.00 -20.92
CA VAL B 133 -10.67 3.29 -19.97
C VAL B 133 -11.39 1.99 -19.68
N ASN B 134 -11.61 1.72 -18.39
CA ASN B 134 -12.07 0.42 -17.97
C ASN B 134 -13.21 0.55 -16.97
N ASN B 135 -14.16 -0.40 -17.03
CA ASN B 135 -15.25 -0.46 -16.04
C ASN B 135 -15.14 -1.71 -15.16
N GLY B 136 -13.95 -2.32 -15.17
CA GLY B 136 -13.67 -3.54 -14.42
C GLY B 136 -13.65 -4.81 -15.24
N SER B 137 -14.22 -4.77 -16.44
CA SER B 137 -14.41 -5.96 -17.28
C SER B 137 -13.25 -6.25 -18.23
N LEU B 138 -12.54 -5.21 -18.65
CA LEU B 138 -11.38 -5.37 -19.52
C LEU B 138 -10.13 -5.87 -18.77
N SER B 139 -9.29 -6.60 -19.49
CA SER B 139 -8.00 -7.04 -18.98
C SER B 139 -6.90 -6.42 -19.86
N TYR B 140 -5.78 -6.00 -19.26
CA TYR B 140 -4.66 -5.51 -20.04
C TYR B 140 -3.88 -6.69 -20.64
N ASP B 141 -3.79 -6.70 -21.97
CA ASP B 141 -3.14 -7.79 -22.70
C ASP B 141 -1.67 -7.45 -22.97
N HIS B 142 -0.76 -8.11 -22.25
CA HIS B 142 0.67 -7.81 -22.34
C HIS B 142 1.28 -8.26 -23.67
N SER B 143 0.92 -9.48 -24.10
CA SER B 143 1.48 -10.13 -25.30
C SER B 143 1.15 -9.39 -26.60
N LYS B 144 0.08 -8.59 -26.58
CA LYS B 144 -0.28 -7.70 -27.68
C LYS B 144 -0.07 -6.23 -27.31
N ASP B 145 0.67 -6.00 -26.22
CA ASP B 145 0.93 -4.68 -25.65
C ASP B 145 -0.33 -3.84 -25.41
N GLY B 146 -1.44 -4.52 -25.11
CA GLY B 146 -2.73 -3.88 -24.84
C GLY B 146 -3.27 -3.10 -26.02
N ARG B 147 -3.02 -3.61 -27.22
CA ARG B 147 -3.42 -2.93 -28.46
C ARG B 147 -4.94 -3.03 -28.67
N TRP B 148 -5.55 -4.07 -28.11
CA TRP B 148 -6.98 -4.29 -28.33
C TRP B 148 -7.90 -3.81 -27.20
N THR B 149 -7.36 -3.01 -26.29
CA THR B 149 -8.15 -2.38 -25.22
C THR B 149 -7.87 -0.88 -25.17
N GLU B 150 -6.81 -0.46 -25.86
CA GLU B 150 -6.44 0.96 -26.00
C GLU B 150 -7.41 1.73 -26.90
N LEU B 151 -7.45 3.05 -26.70
CA LEU B 151 -8.35 3.93 -27.43
C LEU B 151 -7.60 4.79 -28.45
N ALA B 152 -6.54 5.45 -27.99
CA ALA B 152 -5.68 6.30 -28.82
C ALA B 152 -4.25 6.28 -28.29
N GLY B 153 -3.33 6.89 -29.03
CA GLY B 153 -1.91 6.87 -28.67
C GLY B 153 -0.96 7.54 -29.65
N CYS B 154 0.33 7.55 -29.31
CA CYS B 154 1.35 8.14 -30.14
C CYS B 154 2.71 7.55 -29.81
N THR B 155 3.62 7.56 -30.78
CA THR B 155 5.02 7.22 -30.53
C THR B 155 5.64 8.41 -29.81
N ALA B 156 6.45 8.11 -28.79
CA ALA B 156 7.10 9.15 -28.02
C ALA B 156 8.49 8.74 -27.59
N ASP B 157 9.45 9.60 -27.93
CA ASP B 157 10.86 9.36 -27.69
C ASP B 157 11.21 9.97 -26.32
N PHE B 158 10.90 9.25 -25.23
CA PHE B 158 11.08 9.82 -23.89
C PHE B 158 12.20 9.19 -23.07
N ARG B 159 12.77 8.10 -23.56
CA ARG B 159 13.78 7.36 -22.82
C ARG B 159 15.21 7.89 -23.06
N ASN B 160 15.98 8.06 -21.98
CA ASN B 160 17.40 8.48 -22.05
C ASN B 160 17.67 9.87 -22.68
N ARG B 161 16.80 10.82 -22.40
CA ARG B 161 16.96 12.18 -22.91
C ARG B 161 17.91 12.96 -22.01
N ASP B 162 18.68 13.87 -22.60
CA ASP B 162 19.65 14.67 -21.84
C ASP B 162 19.02 15.91 -21.21
N HIS B 163 17.71 16.04 -21.31
CA HIS B 163 16.97 17.16 -20.74
C HIS B 163 15.70 16.61 -20.09
N ASP B 164 14.94 17.49 -19.42
CA ASP B 164 13.67 17.11 -18.80
C ASP B 164 12.63 16.61 -19.79
N THR B 165 11.72 15.77 -19.30
CA THR B 165 10.65 15.18 -20.10
C THR B 165 9.32 15.31 -19.36
N PHE B 166 8.31 15.87 -20.04
CA PHE B 166 7.01 16.14 -19.42
C PHE B 166 5.84 15.55 -20.18
N LEU B 167 4.77 15.30 -19.44
CA LEU B 167 3.51 14.83 -19.98
C LEU B 167 2.40 15.69 -19.39
N ALA B 168 1.27 15.81 -20.10
CA ALA B 168 0.09 16.50 -19.58
C ALA B 168 -1.17 15.71 -19.89
N VAL B 169 -2.02 15.49 -18.88
CA VAL B 169 -3.29 14.79 -19.10
C VAL B 169 -4.48 15.67 -18.70
N ARG B 170 -5.33 15.96 -19.68
CA ARG B 170 -6.45 16.88 -19.49
C ARG B 170 -7.78 16.16 -19.61
N TYR B 171 -8.68 16.44 -18.68
CA TYR B 171 -10.02 15.90 -18.75
C TYR B 171 -11.02 17.03 -18.52
N SER B 172 -12.11 16.98 -19.29
CA SER B 172 -13.13 18.04 -19.31
C SER B 172 -14.28 17.66 -20.24
N ARG B 173 -15.49 17.70 -19.68
CA ARG B 173 -16.72 17.49 -20.43
C ARG B 173 -16.65 16.31 -21.42
N GLY B 174 -15.92 15.26 -21.06
CA GLY B 174 -15.80 14.06 -21.88
C GLY B 174 -14.59 13.99 -22.79
N ARG B 175 -13.79 15.05 -22.78
CA ARG B 175 -12.65 15.19 -23.67
C ARG B 175 -11.31 14.95 -22.97
N LEU B 176 -10.69 13.81 -23.28
CA LEU B 176 -9.36 13.49 -22.79
C LEU B 176 -8.26 13.95 -23.74
N THR B 177 -7.33 14.74 -23.22
CA THR B 177 -6.17 15.18 -23.99
C THR B 177 -4.88 14.74 -23.31
N VAL B 178 -4.03 14.02 -24.04
CA VAL B 178 -2.64 13.79 -23.61
C VAL B 178 -1.67 14.48 -24.58
N MET B 179 -0.72 15.25 -24.04
CA MET B 179 0.36 15.84 -24.85
C MET B 179 1.72 15.73 -24.18
N THR B 180 2.79 15.78 -24.98
CA THR B 180 4.14 15.59 -24.43
C THR B 180 5.05 16.77 -24.67
N ASP B 181 6.15 16.82 -23.92
CA ASP B 181 7.19 17.84 -24.08
C ASP B 181 8.53 17.15 -23.82
N LEU B 182 9.14 16.63 -24.88
CA LEU B 182 10.30 15.73 -24.76
C LEU B 182 11.55 16.19 -25.48
N GLU B 183 11.47 17.33 -26.17
CA GLU B 183 12.56 17.78 -27.05
C GLU B 183 13.31 18.99 -26.49
N ASP B 184 12.87 19.49 -25.35
CA ASP B 184 13.45 20.68 -24.72
C ASP B 184 13.08 21.94 -25.50
N LYS B 185 11.89 21.91 -26.12
CA LYS B 185 11.40 23.02 -26.95
C LYS B 185 10.26 23.80 -26.29
N ASN B 186 10.15 23.66 -24.96
CA ASN B 186 9.13 24.37 -24.17
C ASN B 186 7.75 24.41 -24.84
N GLU B 187 7.30 23.27 -25.38
CA GLU B 187 6.03 23.21 -26.09
C GLU B 187 5.34 21.85 -26.02
N TRP B 188 4.01 21.86 -25.98
CA TRP B 188 3.22 20.65 -25.97
C TRP B 188 3.03 20.06 -27.38
N LYS B 189 3.72 18.96 -27.63
CA LYS B 189 3.57 18.20 -28.86
C LYS B 189 2.36 17.30 -28.73
N ASN B 190 1.57 17.21 -29.79
CA ASN B 190 0.38 16.38 -29.81
C ASN B 190 0.65 14.91 -29.55
N CYS B 191 -0.33 14.23 -28.96
CA CYS B 191 -0.24 12.79 -28.73
C CYS B 191 -1.62 12.13 -28.80
N ILE B 192 -2.50 12.53 -27.87
CA ILE B 192 -3.86 11.99 -27.77
C ILE B 192 -4.88 13.12 -27.65
N ASP B 193 -6.03 12.96 -28.30
CA ASP B 193 -7.17 13.89 -28.17
C ASP B 193 -8.47 13.22 -28.61
N ILE B 194 -9.17 12.64 -27.63
CA ILE B 194 -10.44 11.97 -27.90
C ILE B 194 -11.58 12.67 -27.15
N THR B 195 -12.81 12.32 -27.52
CA THR B 195 -14.01 12.80 -26.81
C THR B 195 -14.93 11.61 -26.49
N GLY B 196 -16.03 11.88 -25.79
CA GLY B 196 -16.96 10.85 -25.34
C GLY B 196 -16.39 9.93 -24.26
N VAL B 197 -15.64 10.51 -23.32
CA VAL B 197 -15.03 9.76 -22.22
C VAL B 197 -15.75 10.07 -20.91
N ARG B 198 -16.42 9.07 -20.35
CA ARG B 198 -17.10 9.26 -19.06
C ARG B 198 -16.28 8.69 -17.89
N LEU B 199 -15.85 9.58 -17.00
CA LEU B 199 -15.08 9.23 -15.80
C LEU B 199 -15.73 9.88 -14.58
N PRO B 200 -16.03 9.08 -13.53
CA PRO B 200 -16.70 9.63 -12.34
C PRO B 200 -15.75 10.42 -11.46
N THR B 201 -16.29 11.28 -10.60
CA THR B 201 -15.52 11.87 -9.51
C THR B 201 -15.28 10.83 -8.42
N GLY B 202 -14.35 11.14 -7.51
CA GLY B 202 -14.09 10.28 -6.36
C GLY B 202 -13.13 9.15 -6.65
N TYR B 203 -12.21 9.41 -7.58
CA TYR B 203 -11.20 8.45 -7.98
C TYR B 203 -9.85 9.01 -7.56
N TYR B 204 -8.81 8.16 -7.52
CA TYR B 204 -7.48 8.57 -7.04
C TYR B 204 -6.45 8.65 -8.14
N PHE B 205 -5.61 9.68 -8.08
CA PHE B 205 -4.43 9.78 -8.93
C PHE B 205 -3.30 8.88 -8.44
N GLY B 206 -2.54 8.34 -9.40
CA GLY B 206 -1.50 7.38 -9.08
C GLY B 206 -0.48 7.28 -10.18
N ALA B 207 0.70 6.78 -9.82
CA ALA B 207 1.70 6.40 -10.80
C ALA B 207 2.33 5.07 -10.36
N SER B 208 2.60 4.19 -11.33
CA SER B 208 3.29 2.95 -11.09
C SER B 208 4.30 2.65 -12.20
N ALA B 209 5.26 1.78 -11.92
CA ALA B 209 6.15 1.32 -12.97
C ALA B 209 6.50 -0.11 -12.70
N GLY B 210 6.85 -0.83 -13.75
CA GLY B 210 7.27 -2.21 -13.59
C GLY B 210 8.50 -2.48 -14.42
N THR B 211 9.32 -3.41 -13.96
CA THR B 211 10.39 -4.00 -14.77
C THR B 211 10.18 -5.53 -14.82
N GLY B 212 10.81 -6.21 -15.77
CA GLY B 212 10.67 -7.68 -15.96
C GLY B 212 12.03 -8.35 -16.09
N ASP B 213 12.23 -9.11 -17.18
CA ASP B 213 13.58 -9.63 -17.52
C ASP B 213 14.42 -8.46 -18.03
N LEU B 214 13.71 -7.40 -18.45
CA LEU B 214 14.32 -6.15 -18.83
C LEU B 214 13.90 -5.03 -17.88
N SER B 215 14.76 -4.03 -17.71
CA SER B 215 14.56 -3.00 -16.67
C SER B 215 14.91 -1.57 -17.13
N ASP B 216 14.80 -0.61 -16.21
CA ASP B 216 15.00 0.83 -16.46
C ASP B 216 14.71 1.53 -15.14
N ASN B 217 15.38 2.65 -14.86
CA ASN B 217 14.98 3.51 -13.73
C ASN B 217 13.71 4.19 -14.22
N HIS B 218 12.64 4.11 -13.43
CA HIS B 218 11.41 4.83 -13.73
C HIS B 218 11.15 5.83 -12.59
N ASP B 219 11.30 7.11 -12.90
CA ASP B 219 11.27 8.18 -11.90
C ASP B 219 10.10 9.12 -12.11
N ILE B 220 9.52 9.60 -11.01
CA ILE B 220 8.59 10.71 -11.03
C ILE B 220 9.26 11.89 -10.29
N ILE B 221 9.49 12.99 -10.99
CA ILE B 221 10.08 14.19 -10.36
C ILE B 221 8.97 15.02 -9.72
N SER B 222 7.88 15.24 -10.44
CA SER B 222 6.74 15.96 -9.90
C SER B 222 5.46 15.66 -10.65
N MET B 223 4.35 15.76 -9.94
CA MET B 223 3.03 15.73 -10.56
C MET B 223 2.27 16.93 -10.00
N LYS B 224 1.83 17.81 -10.89
CA LYS B 224 1.11 19.02 -10.49
C LYS B 224 -0.31 19.01 -11.02
N LEU B 225 -1.28 19.02 -10.14
CA LEU B 225 -2.67 18.92 -10.57
C LEU B 225 -3.37 20.28 -10.52
N PHE B 226 -3.97 20.65 -11.66
CA PHE B 226 -4.60 21.95 -11.80
C PHE B 226 -6.10 21.78 -11.98
N GLN B 227 -6.87 22.61 -11.28
CA GLN B 227 -8.31 22.66 -11.53
C GLN B 227 -8.57 23.51 -12.77
N LEU B 228 -9.61 23.13 -13.52
CA LEU B 228 -10.08 23.91 -14.66
C LEU B 228 -11.44 24.55 -14.33
N MET B 229 -11.52 25.86 -14.51
CA MET B 229 -12.78 26.58 -14.33
C MET B 229 -13.72 26.36 -15.52
N VAL B 230 -14.70 25.48 -15.31
CA VAL B 230 -15.68 25.10 -16.33
C VAL B 230 -17.05 24.99 -15.65
N GLU B 231 -17.97 25.86 -16.05
CA GLU B 231 -19.23 26.07 -15.33
C GLU B 231 -20.29 24.97 -15.56
N ASP B 240 -25.40 13.03 -9.57
CA ASP B 240 -24.29 12.64 -8.72
C ASP B 240 -23.14 12.04 -9.53
N TRP B 241 -22.06 12.82 -9.67
CA TRP B 241 -20.93 12.46 -10.52
C TRP B 241 -20.11 11.25 -10.05
N THR B 242 -20.11 10.98 -8.74
CA THR B 242 -19.42 9.82 -8.17
C THR B 242 -20.02 8.48 -8.63
N LYS B 243 -21.22 8.52 -9.20
CA LYS B 243 -21.95 7.32 -9.61
C LYS B 243 -21.73 6.94 -11.09
N ILE B 244 -21.16 7.88 -11.85
CA ILE B 244 -20.86 7.67 -13.28
C ILE B 244 -20.02 6.41 -13.53
N GLU B 245 -20.51 5.54 -14.40
CA GLU B 245 -19.74 4.36 -14.80
C GLU B 245 -18.66 4.81 -15.78
N PRO B 246 -17.41 4.33 -15.57
CA PRO B 246 -16.31 4.71 -16.47
C PRO B 246 -16.53 4.13 -17.88
N SER B 247 -16.50 5.00 -18.89
CA SER B 247 -16.90 4.59 -20.25
C SER B 247 -16.38 5.49 -21.36
N VAL B 248 -16.37 4.94 -22.57
CA VAL B 248 -16.10 5.67 -23.80
C VAL B 248 -17.24 5.43 -24.78
N ASN B 249 -17.90 6.51 -25.21
CA ASN B 249 -18.86 6.43 -26.32
C ASN B 249 -18.09 6.37 -27.63
N PHE B 250 -17.99 5.15 -28.15
CA PHE B 250 -17.12 4.80 -29.27
C PHE B 250 -17.92 4.53 -30.55
N LEU B 251 -18.79 5.48 -30.91
CA LEU B 251 -19.60 5.37 -32.13
C LEU B 251 -19.54 6.64 -32.98
#